data_2OQ9
#
_entry.id   2OQ9
#
_entity_poly.entity_id   1
_entity_poly.type   'polypeptide(L)'
_entity_poly.pdbx_seq_one_letter_code
;APMQAPVQAAPACMASCAPQCCGR
;
_entity_poly.pdbx_strand_id   A
#
# COMPACT_ATOMS: atom_id res chain seq x y z
N ALA A 1 12.80 18.13 -13.85
CA ALA A 1 12.00 16.88 -13.87
C ALA A 1 12.67 15.79 -13.04
N PRO A 2 12.62 15.90 -11.70
CA PRO A 2 13.23 14.91 -10.81
C PRO A 2 12.44 13.60 -10.77
N MET A 3 13.16 12.48 -10.80
CA MET A 3 12.50 11.16 -10.76
C MET A 3 12.08 10.82 -9.33
N GLN A 4 10.78 10.70 -9.12
CA GLN A 4 10.26 10.38 -7.80
C GLN A 4 9.75 8.94 -7.74
N ALA A 5 9.61 8.42 -6.53
CA ALA A 5 9.14 7.06 -6.32
C ALA A 5 7.62 7.06 -6.11
N PRO A 6 6.87 6.55 -7.10
CA PRO A 6 5.40 6.49 -7.02
C PRO A 6 4.92 5.53 -5.97
N VAL A 7 3.90 5.95 -5.25
CA VAL A 7 3.32 5.15 -4.21
C VAL A 7 2.17 4.35 -4.71
N GLN A 8 2.33 3.08 -4.62
CA GLN A 8 1.27 2.19 -5.02
C GLN A 8 0.16 2.40 -4.03
N ALA A 9 -0.99 2.78 -4.54
CA ALA A 9 -2.10 3.06 -3.68
C ALA A 9 -2.70 1.78 -3.14
N ALA A 10 -2.57 1.66 -1.83
CA ALA A 10 -3.08 0.54 -1.08
C ALA A 10 -4.48 0.86 -0.58
N PRO A 11 -5.28 -0.17 -0.29
CA PRO A 11 -6.64 0.00 0.18
C PRO A 11 -6.72 0.05 1.71
N ALA A 12 -6.49 1.23 2.24
CA ALA A 12 -6.53 1.41 3.70
C ALA A 12 -5.63 0.41 4.39
N CYS A 13 -4.40 0.33 3.91
CA CYS A 13 -3.42 -0.60 4.44
C CYS A 13 -2.46 0.13 5.39
N MET A 14 -2.36 -0.39 6.62
CA MET A 14 -1.51 0.18 7.68
C MET A 14 -0.73 -0.96 8.34
N ALA A 15 0.59 -0.85 8.45
CA ALA A 15 1.37 -1.95 9.01
C ALA A 15 0.79 -2.53 10.31
N SER A 16 0.47 -1.64 11.26
CA SER A 16 -0.05 -2.04 12.58
C SER A 16 -1.31 -2.90 12.47
N CYS A 17 -2.14 -2.56 11.51
CA CYS A 17 -3.35 -3.25 11.24
C CYS A 17 -3.22 -4.18 10.06
N ALA A 18 -2.07 -4.16 9.39
CA ALA A 18 -1.89 -5.04 8.28
C ALA A 18 -1.58 -6.42 8.79
N PRO A 19 -1.90 -7.45 8.01
CA PRO A 19 -2.50 -7.32 6.68
C PRO A 19 -4.01 -7.47 6.67
N GLN A 20 -4.65 -7.10 7.74
CA GLN A 20 -6.10 -7.10 7.77
C GLN A 20 -6.67 -5.81 7.20
N CYS A 21 -6.18 -4.67 7.59
CA CYS A 21 -6.69 -3.44 7.00
C CYS A 21 -6.29 -3.34 5.50
N CYS A 22 -5.54 -4.36 5.03
CA CYS A 22 -5.07 -4.48 3.65
C CYS A 22 -5.81 -5.67 3.04
N GLY A 23 -6.91 -6.01 3.69
CA GLY A 23 -7.78 -7.11 3.27
C GLY A 23 -7.11 -8.47 3.35
N ARG A 24 -5.93 -8.58 2.77
CA ARG A 24 -5.18 -9.84 2.77
C ARG A 24 -3.74 -9.62 3.19
N ALA A 1 14.22 10.34 -18.45
CA ALA A 1 13.15 9.36 -18.17
C ALA A 1 13.55 8.43 -17.01
N PRO A 2 13.64 8.97 -15.79
CA PRO A 2 14.01 8.19 -14.62
C PRO A 2 13.00 7.09 -14.29
N MET A 3 13.50 5.89 -14.03
CA MET A 3 12.62 4.74 -13.69
C MET A 3 12.24 4.78 -12.21
N GLN A 4 11.50 5.82 -11.82
CA GLN A 4 11.07 5.96 -10.43
C GLN A 4 10.13 4.82 -10.03
N ALA A 5 10.15 4.45 -8.75
CA ALA A 5 9.29 3.40 -8.25
C ALA A 5 7.95 3.96 -7.81
N PRO A 6 6.88 3.74 -8.59
CA PRO A 6 5.54 4.23 -8.27
C PRO A 6 4.96 3.54 -7.06
N VAL A 7 4.23 4.29 -6.27
CA VAL A 7 3.60 3.75 -5.08
C VAL A 7 2.30 3.12 -5.42
N GLN A 8 2.27 1.85 -5.20
CA GLN A 8 1.07 1.11 -5.40
C GLN A 8 0.11 1.57 -4.33
N ALA A 9 -1.01 2.08 -4.74
CA ALA A 9 -1.96 2.60 -3.79
C ALA A 9 -2.63 1.48 -3.04
N ALA A 10 -2.37 1.45 -1.75
CA ALA A 10 -2.91 0.48 -0.85
C ALA A 10 -4.31 0.89 -0.41
N PRO A 11 -5.22 -0.07 -0.24
CA PRO A 11 -6.59 0.20 0.17
C PRO A 11 -6.74 0.21 1.69
N ALA A 12 -6.52 1.36 2.27
CA ALA A 12 -6.62 1.50 3.72
C ALA A 12 -5.72 0.48 4.41
N CYS A 13 -4.49 0.39 3.94
CA CYS A 13 -3.52 -0.54 4.45
C CYS A 13 -2.55 0.17 5.42
N MET A 14 -2.45 -0.36 6.64
CA MET A 14 -1.59 0.22 7.69
C MET A 14 -0.77 -0.91 8.31
N ALA A 15 0.55 -0.79 8.39
CA ALA A 15 1.36 -1.88 8.92
C ALA A 15 0.82 -2.48 10.22
N SER A 16 0.50 -1.62 11.19
CA SER A 16 0.02 -2.04 12.51
C SER A 16 -1.23 -2.90 12.44
N CYS A 17 -2.08 -2.57 11.48
CA CYS A 17 -3.29 -3.27 11.24
C CYS A 17 -3.17 -4.20 10.05
N ALA A 18 -2.04 -4.16 9.37
CA ALA A 18 -1.87 -5.03 8.24
C ALA A 18 -1.52 -6.41 8.72
N PRO A 19 -1.84 -7.43 7.93
CA PRO A 19 -2.46 -7.29 6.61
C PRO A 19 -3.99 -7.46 6.62
N GLN A 20 -4.61 -7.10 7.70
CA GLN A 20 -6.06 -7.13 7.75
C GLN A 20 -6.65 -5.84 7.21
N CYS A 21 -6.17 -4.69 7.61
CA CYS A 21 -6.71 -3.46 7.05
C CYS A 21 -6.33 -3.35 5.56
N CYS A 22 -5.60 -4.35 5.05
CA CYS A 22 -5.14 -4.43 3.66
C CYS A 22 -5.86 -5.62 3.03
N GLY A 23 -6.96 -5.99 3.69
CA GLY A 23 -7.81 -7.09 3.26
C GLY A 23 -7.14 -8.44 3.31
N ARG A 24 -5.97 -8.54 2.71
CA ARG A 24 -5.22 -9.79 2.67
C ARG A 24 -3.80 -9.59 3.20
N ALA A 1 13.18 14.40 -16.51
CA ALA A 1 12.42 13.14 -16.27
C ALA A 1 13.24 12.16 -15.44
N PRO A 2 13.38 12.42 -14.12
CA PRO A 2 14.14 11.56 -13.22
C PRO A 2 13.36 10.30 -12.86
N MET A 3 14.03 9.15 -12.88
CA MET A 3 13.37 7.88 -12.53
C MET A 3 12.91 7.90 -11.08
N GLN A 4 11.60 7.77 -10.88
CA GLN A 4 11.03 7.77 -9.55
C GLN A 4 10.20 6.50 -9.32
N ALA A 5 10.05 6.11 -8.05
CA ALA A 5 9.29 4.93 -7.70
C ALA A 5 7.87 5.30 -7.29
N PRO A 6 6.87 4.96 -8.12
CA PRO A 6 5.46 5.25 -7.84
C PRO A 6 4.93 4.44 -6.68
N VAL A 7 4.07 5.06 -5.90
CA VAL A 7 3.49 4.41 -4.77
C VAL A 7 2.24 3.67 -5.16
N GLN A 8 2.31 2.40 -4.98
CA GLN A 8 1.17 1.57 -5.24
C GLN A 8 0.15 1.90 -4.19
N ALA A 9 -0.99 2.40 -4.64
CA ALA A 9 -2.00 2.82 -3.71
C ALA A 9 -2.66 1.63 -3.06
N ALA A 10 -2.44 1.55 -1.76
CA ALA A 10 -2.98 0.51 -0.92
C ALA A 10 -4.38 0.90 -0.46
N PRO A 11 -5.25 -0.09 -0.25
CA PRO A 11 -6.63 0.14 0.18
C PRO A 11 -6.75 0.16 1.70
N ALA A 12 -6.52 1.32 2.27
CA ALA A 12 -6.59 1.47 3.72
C ALA A 12 -5.69 0.46 4.41
N CYS A 13 -4.46 0.37 3.94
CA CYS A 13 -3.48 -0.56 4.47
C CYS A 13 -2.52 0.16 5.43
N MET A 14 -2.42 -0.36 6.64
CA MET A 14 -1.56 0.20 7.69
C MET A 14 -0.76 -0.93 8.33
N ALA A 15 0.57 -0.81 8.42
CA ALA A 15 1.37 -1.91 8.96
C ALA A 15 0.81 -2.51 10.27
N SER A 16 0.49 -1.63 11.22
CA SER A 16 0.00 -2.05 12.54
C SER A 16 -1.26 -2.90 12.45
N CYS A 17 -2.10 -2.57 11.50
CA CYS A 17 -3.31 -3.27 11.25
C CYS A 17 -3.18 -4.19 10.06
N ALA A 18 -2.04 -4.16 9.39
CA ALA A 18 -1.87 -5.02 8.26
C ALA A 18 -1.53 -6.41 8.76
N PRO A 19 -1.85 -7.43 7.96
CA PRO A 19 -2.46 -7.29 6.64
C PRO A 19 -3.98 -7.46 6.64
N GLN A 20 -4.60 -7.10 7.72
CA GLN A 20 -6.05 -7.12 7.77
C GLN A 20 -6.65 -5.83 7.21
N CYS A 21 -6.17 -4.68 7.61
CA CYS A 21 -6.69 -3.45 7.05
C CYS A 21 -6.31 -3.34 5.55
N CYS A 22 -5.58 -4.35 5.05
CA CYS A 22 -5.13 -4.45 3.67
C CYS A 22 -5.86 -5.64 3.05
N GLY A 23 -6.96 -5.99 3.71
CA GLY A 23 -7.83 -7.08 3.28
C GLY A 23 -7.22 -8.45 3.43
N ARG A 24 -6.04 -8.65 2.86
CA ARG A 24 -5.36 -9.95 2.95
C ARG A 24 -4.79 -10.18 4.35
N ALA A 1 11.31 5.57 -23.29
CA ALA A 1 10.04 5.33 -22.55
C ALA A 1 10.29 4.60 -21.23
N PRO A 2 10.85 5.30 -20.23
CA PRO A 2 11.15 4.71 -18.92
C PRO A 2 10.01 3.81 -18.40
N MET A 3 10.37 2.62 -17.95
CA MET A 3 9.36 1.68 -17.41
C MET A 3 9.07 2.03 -15.95
N GLN A 4 8.60 3.25 -15.72
CA GLN A 4 8.31 3.69 -14.36
C GLN A 4 7.23 2.82 -13.71
N ALA A 5 7.42 2.46 -12.45
CA ALA A 5 6.47 1.65 -11.73
C ALA A 5 5.55 2.53 -10.88
N PRO A 6 4.27 2.61 -11.24
CA PRO A 6 3.28 3.43 -10.51
C PRO A 6 3.03 2.90 -9.12
N VAL A 7 2.89 3.84 -8.20
CA VAL A 7 2.67 3.50 -6.81
C VAL A 7 1.45 2.65 -6.67
N GLN A 8 1.68 1.49 -6.12
CA GLN A 8 0.60 0.62 -5.81
C GLN A 8 -0.14 1.22 -4.64
N ALA A 9 -1.29 1.75 -4.92
CA ALA A 9 -2.08 2.39 -3.90
C ALA A 9 -2.73 1.35 -3.01
N ALA A 10 -2.32 1.38 -1.75
CA ALA A 10 -2.84 0.47 -0.75
C ALA A 10 -4.23 0.90 -0.33
N PRO A 11 -5.17 -0.04 -0.21
CA PRO A 11 -6.54 0.23 0.19
C PRO A 11 -6.71 0.23 1.69
N ALA A 12 -6.49 1.39 2.29
CA ALA A 12 -6.61 1.51 3.75
C ALA A 12 -5.71 0.49 4.43
N CYS A 13 -4.47 0.41 3.97
CA CYS A 13 -3.51 -0.53 4.49
C CYS A 13 -2.56 0.18 5.47
N MET A 14 -2.45 -0.35 6.68
CA MET A 14 -1.61 0.21 7.75
C MET A 14 -0.79 -0.93 8.37
N ALA A 15 0.53 -0.78 8.46
CA ALA A 15 1.35 -1.88 8.98
C ALA A 15 0.80 -2.51 10.29
N SER A 16 0.47 -1.64 11.26
CA SER A 16 -0.02 -2.08 12.57
C SER A 16 -1.27 -2.94 12.47
N CYS A 17 -2.11 -2.62 11.52
CA CYS A 17 -3.32 -3.31 11.26
C CYS A 17 -3.19 -4.22 10.07
N ALA A 18 -2.06 -4.18 9.39
CA ALA A 18 -1.86 -5.02 8.25
C ALA A 18 -1.52 -6.41 8.71
N PRO A 19 -1.83 -7.42 7.90
CA PRO A 19 -2.44 -7.25 6.57
C PRO A 19 -3.96 -7.44 6.58
N GLN A 20 -4.59 -7.10 7.67
CA GLN A 20 -6.03 -7.14 7.70
C GLN A 20 -6.64 -5.84 7.17
N CYS A 21 -6.17 -4.70 7.60
CA CYS A 21 -6.71 -3.47 7.04
C CYS A 21 -6.33 -3.34 5.55
N CYS A 22 -5.59 -4.33 5.04
CA CYS A 22 -5.14 -4.41 3.66
C CYS A 22 -5.88 -5.58 3.01
N GLY A 23 -6.97 -5.95 3.68
CA GLY A 23 -7.84 -7.03 3.24
C GLY A 23 -7.17 -8.39 3.19
N ARG A 24 -6.11 -8.51 2.41
CA ARG A 24 -5.39 -9.79 2.28
C ARG A 24 -6.27 -10.84 1.62
N ALA A 1 16.91 2.14 -13.23
CA ALA A 1 15.56 2.00 -12.63
C ALA A 1 14.48 2.43 -13.62
N PRO A 2 14.08 1.53 -14.54
CA PRO A 2 13.04 1.86 -15.50
C PRO A 2 11.67 1.97 -14.83
N MET A 3 10.82 2.79 -15.39
CA MET A 3 9.48 3.00 -14.82
C MET A 3 8.73 1.67 -14.71
N GLN A 4 8.58 1.20 -13.48
CA GLN A 4 7.90 -0.05 -13.19
C GLN A 4 6.38 0.14 -13.14
N ALA A 5 5.71 -0.74 -12.44
CA ALA A 5 4.27 -0.68 -12.29
C ALA A 5 3.88 0.37 -11.26
N PRO A 6 3.27 1.48 -11.71
CA PRO A 6 2.83 2.58 -10.85
C PRO A 6 2.49 2.18 -9.44
N VAL A 7 2.87 3.03 -8.51
CA VAL A 7 2.65 2.77 -7.10
C VAL A 7 1.37 2.04 -6.88
N GLN A 8 1.51 0.90 -6.30
CA GLN A 8 0.37 0.12 -5.91
C GLN A 8 -0.26 0.82 -4.73
N ALA A 9 -1.37 1.44 -4.99
CA ALA A 9 -2.05 2.18 -3.96
C ALA A 9 -2.73 1.23 -3.00
N ALA A 10 -2.25 1.27 -1.76
CA ALA A 10 -2.77 0.45 -0.70
C ALA A 10 -4.17 0.91 -0.30
N PRO A 11 -5.12 -0.02 -0.20
CA PRO A 11 -6.51 0.29 0.15
C PRO A 11 -6.69 0.28 1.66
N ALA A 12 -6.49 1.43 2.27
CA ALA A 12 -6.61 1.55 3.73
C ALA A 12 -5.72 0.52 4.42
N CYS A 13 -4.49 0.43 3.96
CA CYS A 13 -3.52 -0.50 4.49
C CYS A 13 -2.56 0.21 5.46
N MET A 14 -2.46 -0.31 6.68
CA MET A 14 -1.62 0.25 7.73
C MET A 14 -0.79 -0.88 8.35
N ALA A 15 0.54 -0.74 8.44
CA ALA A 15 1.35 -1.84 8.95
C ALA A 15 0.81 -2.46 10.25
N SER A 16 0.48 -1.60 11.22
CA SER A 16 0.00 -2.04 12.54
C SER A 16 -1.25 -2.91 12.45
N CYS A 17 -2.10 -2.56 11.51
CA CYS A 17 -3.31 -3.27 11.25
C CYS A 17 -3.18 -4.18 10.04
N ALA A 18 -2.04 -4.13 9.38
CA ALA A 18 -1.86 -4.98 8.24
C ALA A 18 -1.51 -6.37 8.70
N PRO A 19 -1.81 -7.37 7.88
CA PRO A 19 -2.43 -7.21 6.56
C PRO A 19 -3.94 -7.40 6.56
N GLN A 20 -4.57 -7.06 7.64
CA GLN A 20 -6.03 -7.12 7.69
C GLN A 20 -6.63 -5.82 7.17
N CYS A 21 -6.17 -4.68 7.61
CA CYS A 21 -6.72 -3.44 7.05
C CYS A 21 -6.35 -3.31 5.56
N CYS A 22 -5.62 -4.31 5.04
CA CYS A 22 -5.17 -4.39 3.66
C CYS A 22 -5.91 -5.55 3.02
N GLY A 23 -7.02 -5.91 3.68
CA GLY A 23 -7.90 -6.98 3.25
C GLY A 23 -7.24 -8.35 3.20
N ARG A 24 -6.17 -8.48 2.42
CA ARG A 24 -5.46 -9.76 2.30
C ARG A 24 -6.32 -10.78 1.56
N ALA A 1 11.11 7.43 -20.67
CA ALA A 1 10.23 6.24 -20.58
C ALA A 1 10.76 5.23 -19.57
N PRO A 2 10.66 5.54 -18.26
CA PRO A 2 11.15 4.64 -17.21
C PRO A 2 10.21 3.45 -16.98
N MET A 3 10.79 2.26 -16.86
CA MET A 3 9.98 1.05 -16.62
C MET A 3 9.64 0.93 -15.14
N GLN A 4 8.60 1.63 -14.71
CA GLN A 4 8.19 1.61 -13.32
C GLN A 4 6.67 1.41 -13.18
N ALA A 5 6.25 0.31 -12.54
CA ALA A 5 4.84 0.03 -12.37
C ALA A 5 4.23 0.97 -11.33
N PRO A 6 3.36 1.90 -11.77
CA PRO A 6 2.70 2.87 -10.91
C PRO A 6 2.45 2.40 -9.50
N VAL A 7 2.68 3.31 -8.57
CA VAL A 7 2.53 3.02 -7.17
C VAL A 7 1.29 2.22 -6.91
N GLN A 8 1.51 1.09 -6.34
CA GLN A 8 0.42 0.25 -5.94
C GLN A 8 -0.23 0.92 -4.75
N ALA A 9 -1.37 1.49 -5.01
CA ALA A 9 -2.09 2.19 -3.96
C ALA A 9 -2.73 1.21 -3.00
N ALA A 10 -2.26 1.25 -1.77
CA ALA A 10 -2.76 0.42 -0.71
C ALA A 10 -4.16 0.87 -0.31
N PRO A 11 -5.11 -0.07 -0.22
CA PRO A 11 -6.49 0.23 0.14
C PRO A 11 -6.68 0.20 1.65
N ALA A 12 -6.54 1.36 2.26
CA ALA A 12 -6.69 1.47 3.72
C ALA A 12 -5.77 0.46 4.42
N CYS A 13 -4.54 0.39 3.95
CA CYS A 13 -3.56 -0.53 4.48
C CYS A 13 -2.61 0.21 5.44
N MET A 14 -2.50 -0.30 6.67
CA MET A 14 -1.67 0.29 7.73
C MET A 14 -0.83 -0.82 8.35
N ALA A 15 0.49 -0.63 8.47
CA ALA A 15 1.33 -1.72 8.98
C ALA A 15 0.80 -2.36 10.28
N SER A 16 0.44 -1.51 11.25
CA SER A 16 -0.03 -1.99 12.55
C SER A 16 -1.29 -2.84 12.46
N CYS A 17 -2.13 -2.51 11.49
CA CYS A 17 -3.35 -3.21 11.24
C CYS A 17 -3.20 -4.14 10.05
N ALA A 18 -2.08 -4.08 9.37
CA ALA A 18 -1.90 -4.95 8.25
C ALA A 18 -1.52 -6.32 8.74
N PRO A 19 -1.80 -7.35 7.95
CA PRO A 19 -2.40 -7.23 6.61
C PRO A 19 -3.92 -7.43 6.60
N GLN A 20 -4.56 -7.09 7.68
CA GLN A 20 -6.02 -7.13 7.71
C GLN A 20 -6.64 -5.85 7.19
N CYS A 21 -6.18 -4.69 7.60
CA CYS A 21 -6.74 -3.48 7.03
C CYS A 21 -6.37 -3.35 5.54
N CYS A 22 -5.65 -4.35 5.01
CA CYS A 22 -5.20 -4.41 3.63
C CYS A 22 -5.96 -5.53 2.93
N GLY A 23 -7.08 -5.90 3.55
CA GLY A 23 -7.97 -6.93 3.03
C GLY A 23 -7.30 -8.29 2.80
N ARG A 24 -5.99 -8.29 2.71
CA ARG A 24 -5.24 -9.54 2.48
C ARG A 24 -3.94 -9.53 3.26
N ALA A 1 16.48 14.85 -9.17
CA ALA A 1 15.46 14.55 -10.21
C ALA A 1 14.73 13.24 -9.90
N PRO A 2 13.88 13.23 -8.87
CA PRO A 2 13.13 12.04 -8.49
C PRO A 2 12.17 11.59 -9.59
N MET A 3 12.10 10.28 -9.81
CA MET A 3 11.20 9.72 -10.84
C MET A 3 9.78 9.59 -10.29
N GLN A 4 9.14 10.74 -10.03
CA GLN A 4 7.79 10.76 -9.53
C GLN A 4 7.63 9.86 -8.30
N ALA A 5 6.44 9.88 -7.70
CA ALA A 5 6.14 9.07 -6.53
C ALA A 5 5.38 7.80 -6.91
N PRO A 6 6.08 6.78 -7.43
CA PRO A 6 5.46 5.51 -7.84
C PRO A 6 4.97 4.67 -6.67
N VAL A 7 4.02 5.20 -5.90
CA VAL A 7 3.49 4.49 -4.77
C VAL A 7 2.26 3.73 -5.14
N GLN A 8 2.35 2.45 -4.94
CA GLN A 8 1.22 1.59 -5.21
C GLN A 8 0.19 1.93 -4.16
N ALA A 9 -0.95 2.42 -4.62
CA ALA A 9 -1.97 2.84 -3.70
C ALA A 9 -2.63 1.64 -3.06
N ALA A 10 -2.43 1.56 -1.75
CA ALA A 10 -2.99 0.51 -0.94
C ALA A 10 -4.39 0.89 -0.49
N PRO A 11 -5.24 -0.09 -0.27
CA PRO A 11 -6.62 0.12 0.17
C PRO A 11 -6.75 0.15 1.68
N ALA A 12 -6.51 1.31 2.25
CA ALA A 12 -6.60 1.47 3.70
C ALA A 12 -5.69 0.46 4.40
N CYS A 13 -4.46 0.37 3.93
CA CYS A 13 -3.50 -0.56 4.46
C CYS A 13 -2.53 0.16 5.41
N MET A 14 -2.42 -0.36 6.63
CA MET A 14 -1.56 0.21 7.69
C MET A 14 -0.76 -0.93 8.32
N ALA A 15 0.56 -0.81 8.41
CA ALA A 15 1.37 -1.91 8.95
C ALA A 15 0.80 -2.51 10.26
N SER A 16 0.49 -1.63 11.22
CA SER A 16 -0.01 -2.04 12.54
C SER A 16 -1.27 -2.89 12.45
N CYS A 17 -2.11 -2.56 11.50
CA CYS A 17 -3.33 -3.25 11.25
C CYS A 17 -3.19 -4.18 10.06
N ALA A 18 -2.07 -4.15 9.38
CA ALA A 18 -1.88 -5.01 8.26
C ALA A 18 -1.55 -6.40 8.75
N PRO A 19 -1.86 -7.42 7.96
CA PRO A 19 -2.48 -7.28 6.64
C PRO A 19 -4.00 -7.46 6.65
N GLN A 20 -4.62 -7.09 7.73
CA GLN A 20 -6.07 -7.11 7.78
C GLN A 20 -6.67 -5.82 7.23
N CYS A 21 -6.18 -4.67 7.62
CA CYS A 21 -6.70 -3.44 7.05
C CYS A 21 -6.33 -3.34 5.55
N CYS A 22 -5.59 -4.35 5.06
CA CYS A 22 -5.14 -4.45 3.67
C CYS A 22 -5.87 -5.64 3.06
N GLY A 23 -6.97 -6.00 3.73
CA GLY A 23 -7.83 -7.09 3.31
C GLY A 23 -7.16 -8.45 3.38
N ARG A 24 -5.98 -8.56 2.80
CA ARG A 24 -5.23 -9.81 2.80
C ARG A 24 -3.78 -9.59 3.20
N ALA A 1 14.11 18.57 -11.68
CA ALA A 1 13.63 18.01 -10.39
C ALA A 1 12.16 17.64 -10.47
N PRO A 2 11.82 16.54 -11.16
CA PRO A 2 10.43 16.09 -11.30
C PRO A 2 9.93 15.35 -10.06
N MET A 3 8.82 15.81 -9.49
CA MET A 3 8.26 15.15 -8.29
C MET A 3 7.41 13.95 -8.71
N GLN A 4 7.93 12.75 -8.48
CA GLN A 4 7.23 11.53 -8.82
C GLN A 4 7.15 10.59 -7.62
N ALA A 5 5.97 10.44 -7.02
CA ALA A 5 5.78 9.53 -5.89
C ALA A 5 5.19 8.21 -6.34
N PRO A 6 6.01 7.29 -6.87
CA PRO A 6 5.53 5.97 -7.36
C PRO A 6 5.04 5.07 -6.24
N VAL A 7 4.03 5.52 -5.52
CA VAL A 7 3.47 4.75 -4.42
C VAL A 7 2.27 3.98 -4.87
N GLN A 8 2.35 2.70 -4.73
CA GLN A 8 1.23 1.87 -5.06
C GLN A 8 0.16 2.16 -4.05
N ALA A 9 -0.96 2.61 -4.53
CA ALA A 9 -2.04 2.96 -3.65
C ALA A 9 -2.68 1.72 -3.06
N ALA A 10 -2.52 1.62 -1.75
CA ALA A 10 -3.05 0.53 -0.98
C ALA A 10 -4.46 0.88 -0.51
N PRO A 11 -5.29 -0.13 -0.28
CA PRO A 11 -6.67 0.07 0.17
C PRO A 11 -6.79 0.09 1.69
N ALA A 12 -6.55 1.25 2.26
CA ALA A 12 -6.62 1.41 3.70
C ALA A 12 -5.71 0.40 4.39
N CYS A 13 -4.49 0.33 3.92
CA CYS A 13 -3.51 -0.59 4.45
C CYS A 13 -2.55 0.14 5.41
N MET A 14 -2.44 -0.37 6.64
CA MET A 14 -1.59 0.20 7.69
C MET A 14 -0.78 -0.92 8.35
N ALA A 15 0.53 -0.78 8.47
CA ALA A 15 1.33 -1.86 9.02
C ALA A 15 0.76 -2.47 10.32
N SER A 16 0.42 -1.59 11.28
CA SER A 16 -0.09 -2.03 12.59
C SER A 16 -1.35 -2.88 12.47
N CYS A 17 -2.19 -2.55 11.50
CA CYS A 17 -3.39 -3.25 11.23
C CYS A 17 -3.24 -4.17 10.05
N ALA A 18 -2.09 -4.15 9.39
CA ALA A 18 -1.90 -5.01 8.27
C ALA A 18 -1.55 -6.39 8.76
N PRO A 19 -1.84 -7.42 7.98
CA PRO A 19 -2.45 -7.29 6.65
C PRO A 19 -3.97 -7.48 6.64
N GLN A 20 -4.62 -7.11 7.71
CA GLN A 20 -6.06 -7.15 7.75
C GLN A 20 -6.67 -5.87 7.20
N CYS A 21 -6.19 -4.72 7.59
CA CYS A 21 -6.74 -3.50 7.01
C CYS A 21 -6.35 -3.40 5.52
N CYS A 22 -5.60 -4.40 5.03
CA CYS A 22 -5.13 -4.50 3.65
C CYS A 22 -5.86 -5.69 3.03
N GLY A 23 -6.96 -6.05 3.68
CA GLY A 23 -7.81 -7.15 3.26
C GLY A 23 -7.14 -8.50 3.34
N ARG A 24 -5.94 -8.60 2.79
CA ARG A 24 -5.18 -9.85 2.80
C ARG A 24 -3.75 -9.61 3.25
N ALA A 1 12.73 13.94 -17.46
CA ALA A 1 11.95 12.72 -17.09
C ALA A 1 12.73 11.86 -16.10
N PRO A 2 12.81 12.28 -14.82
CA PRO A 2 13.53 11.54 -13.79
C PRO A 2 12.75 10.33 -13.30
N MET A 3 13.43 9.19 -13.14
CA MET A 3 12.76 7.97 -12.68
C MET A 3 12.13 8.21 -11.31
N GLN A 4 10.81 8.06 -11.24
CA GLN A 4 10.09 8.27 -9.98
C GLN A 4 9.28 7.01 -9.61
N ALA A 5 9.78 6.23 -8.65
CA ALA A 5 9.08 5.03 -8.21
C ALA A 5 7.69 5.36 -7.71
N PRO A 6 6.65 4.95 -8.47
CA PRO A 6 5.25 5.20 -8.11
C PRO A 6 4.80 4.36 -6.94
N VAL A 7 3.98 4.96 -6.11
CA VAL A 7 3.45 4.29 -4.95
C VAL A 7 2.20 3.56 -5.29
N GLN A 8 2.26 2.28 -5.11
CA GLN A 8 1.11 1.45 -5.33
C GLN A 8 0.12 1.81 -4.26
N ALA A 9 -1.02 2.31 -4.67
CA ALA A 9 -2.00 2.75 -3.73
C ALA A 9 -2.67 1.57 -3.05
N ALA A 10 -2.42 1.49 -1.76
CA ALA A 10 -2.96 0.46 -0.90
C ALA A 10 -4.36 0.85 -0.46
N PRO A 11 -5.24 -0.12 -0.26
CA PRO A 11 -6.61 0.12 0.17
C PRO A 11 -6.74 0.13 1.69
N ALA A 12 -6.52 1.28 2.27
CA ALA A 12 -6.60 1.41 3.73
C ALA A 12 -5.69 0.41 4.42
N CYS A 13 -4.47 0.32 3.93
CA CYS A 13 -3.49 -0.60 4.46
C CYS A 13 -2.52 0.14 5.40
N MET A 14 -2.41 -0.37 6.63
CA MET A 14 -1.55 0.21 7.67
C MET A 14 -0.74 -0.92 8.31
N ALA A 15 0.58 -0.79 8.41
CA ALA A 15 1.39 -1.89 8.94
C ALA A 15 0.84 -2.49 10.25
N SER A 16 0.51 -1.61 11.21
CA SER A 16 0.03 -2.03 12.53
C SER A 16 -1.23 -2.86 12.45
N CYS A 17 -2.08 -2.53 11.50
CA CYS A 17 -3.30 -3.22 11.26
C CYS A 17 -3.18 -4.15 10.08
N ALA A 18 -2.05 -4.13 9.40
CA ALA A 18 -1.87 -5.00 8.29
C ALA A 18 -1.53 -6.38 8.80
N PRO A 19 -1.82 -7.42 8.03
CA PRO A 19 -2.41 -7.31 6.69
C PRO A 19 -3.93 -7.47 6.67
N GLN A 20 -4.57 -7.11 7.75
CA GLN A 20 -6.03 -7.14 7.77
C GLN A 20 -6.63 -5.85 7.23
N CYS A 21 -6.14 -4.70 7.63
CA CYS A 21 -6.69 -3.47 7.06
C CYS A 21 -6.32 -3.36 5.56
N CYS A 22 -5.60 -4.37 5.06
CA CYS A 22 -5.15 -4.46 3.66
C CYS A 22 -5.93 -5.61 3.01
N GLY A 23 -7.04 -5.95 3.66
CA GLY A 23 -7.95 -7.00 3.18
C GLY A 23 -7.30 -8.35 2.96
N ARG A 24 -5.99 -8.38 2.81
CA ARG A 24 -5.27 -9.62 2.60
C ARG A 24 -3.94 -9.61 3.35
N ALA A 1 11.82 9.79 -19.67
CA ALA A 1 10.59 9.11 -19.18
C ALA A 1 10.94 8.00 -18.19
N PRO A 2 11.33 8.37 -16.95
CA PRO A 2 11.68 7.40 -15.92
C PRO A 2 10.71 6.23 -15.84
N MET A 3 11.24 5.01 -15.79
CA MET A 3 10.38 3.82 -15.69
C MET A 3 9.97 3.59 -14.24
N GLN A 4 9.28 4.58 -13.67
CA GLN A 4 8.82 4.49 -12.30
C GLN A 4 7.47 3.77 -12.22
N ALA A 5 7.46 2.54 -11.69
CA ALA A 5 6.23 1.78 -11.57
C ALA A 5 5.24 2.47 -10.64
N PRO A 6 4.15 3.02 -11.19
CA PRO A 6 3.11 3.72 -10.42
C PRO A 6 2.90 3.17 -9.03
N VAL A 7 2.74 4.10 -8.11
CA VAL A 7 2.53 3.74 -6.72
C VAL A 7 1.34 2.87 -6.57
N GLN A 8 1.60 1.72 -6.03
CA GLN A 8 0.54 0.80 -5.73
C GLN A 8 -0.21 1.38 -4.56
N ALA A 9 -1.37 1.89 -4.84
CA ALA A 9 -2.18 2.50 -3.81
C ALA A 9 -2.81 1.44 -2.93
N ALA A 10 -2.39 1.46 -1.67
CA ALA A 10 -2.91 0.54 -0.68
C ALA A 10 -4.31 0.93 -0.27
N PRO A 11 -5.22 -0.04 -0.16
CA PRO A 11 -6.61 0.20 0.22
C PRO A 11 -6.79 0.18 1.73
N ALA A 12 -6.61 1.33 2.33
CA ALA A 12 -6.74 1.44 3.80
C ALA A 12 -5.83 0.44 4.48
N CYS A 13 -4.59 0.39 4.02
CA CYS A 13 -3.60 -0.53 4.54
C CYS A 13 -2.67 0.20 5.52
N MET A 14 -2.56 -0.34 6.74
CA MET A 14 -1.73 0.22 7.81
C MET A 14 -0.90 -0.90 8.42
N ALA A 15 0.42 -0.73 8.53
CA ALA A 15 1.26 -1.83 9.04
C ALA A 15 0.71 -2.47 10.34
N SER A 16 0.34 -1.62 11.32
CA SER A 16 -0.14 -2.08 12.62
C SER A 16 -1.36 -2.98 12.51
N CYS A 17 -2.21 -2.65 11.55
CA CYS A 17 -3.41 -3.38 11.28
C CYS A 17 -3.24 -4.27 10.08
N ALA A 18 -2.11 -4.19 9.40
CA ALA A 18 -1.89 -5.03 8.26
C ALA A 18 -1.52 -6.42 8.73
N PRO A 19 -1.80 -7.43 7.91
CA PRO A 19 -2.42 -7.28 6.59
C PRO A 19 -3.92 -7.48 6.57
N GLN A 20 -4.57 -7.16 7.65
CA GLN A 20 -6.02 -7.22 7.68
C GLN A 20 -6.64 -5.94 7.15
N CYS A 21 -6.19 -4.79 7.59
CA CYS A 21 -6.75 -3.56 7.04
C CYS A 21 -6.36 -3.41 5.55
N CYS A 22 -5.59 -4.39 5.04
CA CYS A 22 -5.13 -4.44 3.66
C CYS A 22 -5.83 -5.63 3.00
N GLY A 23 -6.92 -6.03 3.65
CA GLY A 23 -7.76 -7.13 3.19
C GLY A 23 -7.06 -8.48 3.23
N ARG A 24 -5.86 -8.53 2.67
CA ARG A 24 -5.08 -9.77 2.65
C ARG A 24 -3.65 -9.52 3.12
#